data_7CJ6
#
_entry.id   7CJ6
#
_cell.length_a   45.750
_cell.length_b   80.870
_cell.length_c   139.710
_cell.angle_alpha   90.000
_cell.angle_beta   90.000
_cell.angle_gamma   90.000
#
_symmetry.space_group_name_H-M   'P 21 21 21'
#
loop_
_entity.id
_entity.type
_entity.pdbx_description
1 polymer Epimerase
2 non-polymer 'MANGANESE (II) ION'
3 non-polymer D-psicose
4 water water
#
_entity_poly.entity_id   1
_entity_poly.type   'polypeptide(L)'
_entity_poly.pdbx_seq_one_letter_code
;MAFPKRLEYGGHALVWSGDWSAAGARKAIAGAARAGYDYIEIALLDPWQIDVALTKDLLQEYNLRAHASLGLSAATDVTS
TDPAIVAKGDELLRKATDVLYALGGSELCGVIYCALGKYPGPASRENRANSVAAMQRLADYAADKGINIDLEVVNRYETN
IMNTGLEGLAFLDEVNRPNAFLHLDTYHMNIEENGMAKSVLAAGDRLGYVHIGESHRGYLGTGNVDFASFFAALKQIDYR
GPITFESFSSEIVDPKLSNTLCVWRNLWHDSDDLAGKALEFIKQRYGSHHHHHH
;
_entity_poly.pdbx_strand_id   A,B
#
loop_
_chem_comp.id
_chem_comp.type
_chem_comp.name
_chem_comp.formula
MN non-polymer 'MANGANESE (II) ION' 'Mn 2'
PSJ D-saccharide D-psicose 'C6 H12 O6'
#
# COMPACT_ATOMS: atom_id res chain seq x y z
N ALA A 2 -28.83 -16.64 0.02
CA ALA A 2 -28.50 -15.19 -0.02
C ALA A 2 -29.74 -14.35 0.31
N PHE A 3 -29.52 -13.20 0.94
CA PHE A 3 -30.58 -12.29 1.43
C PHE A 3 -30.59 -11.06 0.55
N PRO A 4 -31.73 -10.34 0.48
CA PRO A 4 -31.88 -9.23 -0.45
C PRO A 4 -30.76 -8.18 -0.30
N LYS A 5 -30.26 -7.71 -1.44
CA LYS A 5 -29.33 -6.56 -1.57
C LYS A 5 -30.05 -5.48 -2.37
N ARG A 6 -29.82 -4.22 -2.01
CA ARG A 6 -30.34 -3.06 -2.78
C ARG A 6 -29.17 -2.12 -3.07
N LEU A 7 -29.27 -1.37 -4.17
CA LEU A 7 -28.38 -0.22 -4.44
C LEU A 7 -28.65 0.83 -3.37
N GLU A 8 -27.70 1.04 -2.47
CA GLU A 8 -27.82 2.05 -1.39
C GLU A 8 -26.42 2.60 -1.06
N TYR A 9 -26.37 3.84 -0.61
CA TYR A 9 -25.10 4.59 -0.43
C TYR A 9 -24.87 4.79 1.07
N GLY A 10 -23.67 4.43 1.52
CA GLY A 10 -23.31 4.47 2.95
C GLY A 10 -22.07 5.32 3.17
N GLY A 11 -21.95 5.83 4.40
CA GLY A 11 -20.74 6.50 4.90
C GLY A 11 -20.11 5.67 5.99
N HIS A 12 -18.80 5.46 5.90
CA HIS A 12 -18.00 4.74 6.91
C HIS A 12 -17.96 5.61 8.18
N ALA A 13 -18.05 4.98 9.35
CA ALA A 13 -18.13 5.68 10.65
C ALA A 13 -16.97 6.67 10.80
N LEU A 14 -15.76 6.31 10.34
CA LEU A 14 -14.50 7.04 10.61
C LEU A 14 -14.40 8.32 9.78
N VAL A 15 -15.42 8.60 8.97
CA VAL A 15 -15.57 9.91 8.30
C VAL A 15 -15.95 10.95 9.37
N TRP A 16 -16.60 10.51 10.46
CA TRP A 16 -17.22 11.37 11.49
C TRP A 16 -16.64 11.13 12.89
N SER A 17 -16.53 9.86 13.31
CA SER A 17 -16.22 9.47 14.70
C SER A 17 -15.07 8.45 14.74
N GLY A 18 -14.07 8.71 15.59
CA GLY A 18 -12.97 7.78 15.88
C GLY A 18 -13.36 6.70 16.87
N ASP A 19 -14.44 6.94 17.63
CA ASP A 19 -14.95 5.99 18.66
C ASP A 19 -16.45 5.79 18.43
N TRP A 20 -17.01 4.69 18.95
CA TRP A 20 -18.48 4.45 18.93
C TRP A 20 -19.04 4.56 20.35
N SER A 21 -18.72 5.66 21.04
CA SER A 21 -19.38 6.13 22.28
C SER A 21 -20.81 6.55 21.95
N ALA A 22 -21.62 6.85 22.96
CA ALA A 22 -22.99 7.38 22.78
C ALA A 22 -22.93 8.66 21.94
N ALA A 23 -22.01 9.57 22.28
CA ALA A 23 -21.78 10.85 21.56
C ALA A 23 -21.26 10.55 20.15
N GLY A 24 -20.24 9.70 20.05
CA GLY A 24 -19.61 9.31 18.77
C GLY A 24 -20.65 8.77 17.80
N ALA A 25 -21.54 7.90 18.30
CA ALA A 25 -22.61 7.24 17.52
C ALA A 25 -23.56 8.32 16.99
N ARG A 26 -24.02 9.23 17.88
CA ARG A 26 -24.96 10.32 17.50
C ARG A 26 -24.30 11.20 16.43
N LYS A 27 -23.04 11.60 16.64
CA LYS A 27 -22.32 12.51 15.71
C LYS A 27 -22.32 11.91 14.31
N ALA A 28 -21.95 10.63 14.20
CA ALA A 28 -21.73 9.90 12.93
C ALA A 28 -23.07 9.63 12.24
N ILE A 29 -24.07 9.19 13.00
CA ILE A 29 -25.42 8.84 12.45
C ILE A 29 -26.08 10.14 11.96
N ALA A 30 -26.06 11.20 12.78
CA ALA A 30 -26.55 12.54 12.39
C ALA A 30 -25.82 12.97 11.11
N GLY A 31 -24.49 12.83 11.10
CA GLY A 31 -23.59 13.18 9.99
C GLY A 31 -24.00 12.52 8.68
N ALA A 32 -24.07 11.18 8.65
CA ALA A 32 -24.42 10.40 7.45
C ALA A 32 -25.82 10.80 6.98
N ALA A 33 -26.76 10.94 7.91
CA ALA A 33 -28.17 11.30 7.62
C ALA A 33 -28.20 12.69 6.96
N ARG A 34 -27.48 13.65 7.56
CA ARG A 34 -27.40 15.06 7.10
C ARG A 34 -26.87 15.12 5.66
N ALA A 35 -25.85 14.30 5.34
CA ALA A 35 -25.16 14.27 4.03
C ALA A 35 -26.04 13.59 2.98
N GLY A 36 -27.04 12.80 3.41
CA GLY A 36 -28.05 12.19 2.54
C GLY A 36 -27.77 10.72 2.26
N TYR A 37 -26.92 10.09 3.08
CA TYR A 37 -26.56 8.65 2.97
C TYR A 37 -27.77 7.80 3.39
N ASP A 38 -27.89 6.62 2.78
CA ASP A 38 -28.95 5.63 3.07
C ASP A 38 -28.63 4.87 4.36
N TYR A 39 -27.35 4.64 4.61
CA TYR A 39 -26.89 3.87 5.79
C TYR A 39 -25.56 4.42 6.31
N ILE A 40 -25.24 4.05 7.55
CA ILE A 40 -23.88 4.22 8.13
C ILE A 40 -23.25 2.83 8.21
N GLU A 41 -21.96 2.71 7.89
CA GLU A 41 -21.19 1.46 8.07
C GLU A 41 -20.41 1.57 9.37
N ILE A 42 -20.82 0.81 10.39
CA ILE A 42 -20.19 0.84 11.74
C ILE A 42 -19.01 -0.13 11.72
N ALA A 43 -17.85 0.35 12.14
CA ALA A 43 -16.60 -0.45 12.27
C ALA A 43 -16.64 -1.15 13.64
N LEU A 44 -16.79 -2.48 13.62
CA LEU A 44 -17.04 -3.33 14.82
C LEU A 44 -15.77 -4.13 15.16
N LEU A 45 -14.62 -3.48 15.22
CA LEU A 45 -13.33 -4.15 15.56
C LEU A 45 -13.41 -4.70 16.99
N ASP A 46 -14.21 -4.05 17.85
CA ASP A 46 -14.59 -4.58 19.19
C ASP A 46 -16.10 -4.55 19.34
N PRO A 47 -16.82 -5.64 18.96
CA PRO A 47 -18.27 -5.62 18.94
C PRO A 47 -18.93 -5.65 20.33
N TRP A 48 -18.15 -5.77 21.41
CA TRP A 48 -18.66 -5.75 22.80
C TRP A 48 -18.80 -4.31 23.31
N GLN A 49 -18.05 -3.37 22.73
CA GLN A 49 -17.97 -1.96 23.19
C GLN A 49 -19.26 -1.21 22.87
N ILE A 50 -19.94 -1.59 21.79
CA ILE A 50 -21.10 -0.82 21.24
C ILE A 50 -22.30 -0.99 22.18
N ASP A 51 -22.92 0.12 22.58
CA ASP A 51 -24.25 0.14 23.26
C ASP A 51 -25.30 -0.05 22.15
N VAL A 52 -25.77 -1.28 21.95
CA VAL A 52 -26.58 -1.67 20.75
C VAL A 52 -27.96 -0.99 20.81
N ALA A 53 -28.60 -0.96 21.99
CA ALA A 53 -29.94 -0.36 22.18
C ALA A 53 -29.88 1.14 21.86
N LEU A 54 -28.84 1.81 22.36
CA LEU A 54 -28.59 3.27 22.15
C LEU A 54 -28.46 3.52 20.64
N THR A 55 -27.65 2.73 19.93
CA THR A 55 -27.39 2.86 18.47
C THR A 55 -28.69 2.62 17.68
N LYS A 56 -29.46 1.59 18.05
CA LYS A 56 -30.76 1.27 17.40
C LYS A 56 -31.67 2.51 17.48
N ASP A 57 -31.75 3.12 18.67
CA ASP A 57 -32.59 4.31 18.93
C ASP A 57 -32.14 5.45 18.00
N LEU A 58 -30.83 5.61 17.80
CA LEU A 58 -30.24 6.68 16.96
C LEU A 58 -30.62 6.42 15.49
N LEU A 59 -30.51 5.17 15.04
CA LEU A 59 -30.83 4.76 13.65
C LEU A 59 -32.30 5.09 13.36
N GLN A 60 -33.20 4.81 14.31
CA GLN A 60 -34.65 5.13 14.21
C GLN A 60 -34.82 6.67 14.15
N GLU A 61 -34.19 7.37 15.09
CA GLU A 61 -34.31 8.84 15.29
C GLU A 61 -33.95 9.59 14.00
N TYR A 62 -32.95 9.11 13.26
CA TYR A 62 -32.41 9.78 12.04
C TYR A 62 -32.82 9.03 10.78
N ASN A 63 -33.71 8.05 10.91
CA ASN A 63 -34.23 7.23 9.79
C ASN A 63 -33.05 6.76 8.92
N LEU A 64 -32.05 6.14 9.53
CA LEU A 64 -30.84 5.66 8.83
C LEU A 64 -30.71 4.14 9.01
N ARG A 65 -30.25 3.44 7.98
CA ARG A 65 -29.91 2.00 8.09
C ARG A 65 -28.45 1.87 8.51
N ALA A 66 -28.05 0.65 8.89
CA ALA A 66 -26.66 0.32 9.28
C ALA A 66 -26.25 -1.00 8.63
N HIS A 67 -25.02 -1.04 8.13
CA HIS A 67 -24.24 -2.29 7.93
C HIS A 67 -23.00 -2.21 8.85
N ALA A 68 -22.19 -3.26 8.86
CA ALA A 68 -21.03 -3.36 9.77
C ALA A 68 -19.83 -3.92 9.00
N SER A 69 -18.66 -3.34 9.20
CA SER A 69 -17.36 -3.90 8.76
C SER A 69 -16.48 -4.12 9.98
N LEU A 70 -15.45 -4.95 9.83
CA LEU A 70 -14.41 -5.08 10.87
C LEU A 70 -13.17 -5.68 10.23
N GLY A 71 -12.05 -5.58 10.93
CA GLY A 71 -10.86 -6.39 10.70
C GLY A 71 -10.56 -7.14 11.96
N LEU A 72 -10.16 -8.41 11.85
CA LEU A 72 -9.67 -9.16 13.03
C LEU A 72 -8.29 -8.62 13.41
N SER A 73 -7.76 -9.11 14.53
CA SER A 73 -6.41 -8.79 15.06
C SER A 73 -5.65 -10.10 15.25
N ALA A 74 -4.37 -10.02 15.60
CA ALA A 74 -3.53 -11.20 15.92
C ALA A 74 -4.32 -12.16 16.82
N ALA A 75 -5.01 -11.63 17.84
CA ALA A 75 -5.66 -12.39 18.92
C ALA A 75 -6.86 -13.18 18.41
N THR A 76 -7.41 -12.77 17.26
CA THR A 76 -8.71 -13.27 16.71
C THR A 76 -8.54 -13.70 15.26
N ASP A 77 -7.31 -13.92 14.80
CA ASP A 77 -6.95 -14.25 13.39
C ASP A 77 -7.43 -15.67 13.06
N VAL A 78 -8.45 -15.80 12.19
CA VAL A 78 -9.11 -17.11 11.89
C VAL A 78 -8.23 -17.92 10.92
N THR A 79 -7.18 -17.33 10.35
CA THR A 79 -6.16 -18.02 9.52
C THR A 79 -5.16 -18.76 10.40
N SER A 80 -5.06 -18.38 11.69
CA SER A 80 -4.03 -18.91 12.63
C SER A 80 -4.08 -20.44 12.69
N THR A 81 -2.91 -21.07 12.78
CA THR A 81 -2.77 -22.53 13.01
C THR A 81 -2.81 -22.80 14.52
N ASP A 82 -3.15 -21.78 15.33
CA ASP A 82 -3.42 -21.90 16.78
C ASP A 82 -4.93 -21.99 17.00
N PRO A 83 -5.48 -23.21 17.23
CA PRO A 83 -6.93 -23.39 17.33
C PRO A 83 -7.62 -22.42 18.31
N ALA A 84 -6.98 -22.06 19.41
CA ALA A 84 -7.55 -21.15 20.44
C ALA A 84 -7.77 -19.75 19.83
N ILE A 85 -6.87 -19.32 18.94
CA ILE A 85 -6.93 -17.97 18.30
C ILE A 85 -8.07 -17.99 17.28
N VAL A 86 -8.21 -19.09 16.54
CA VAL A 86 -9.31 -19.26 15.55
C VAL A 86 -10.65 -19.20 16.30
N ALA A 87 -10.72 -19.78 17.51
CA ALA A 87 -11.94 -19.87 18.32
C ALA A 87 -12.35 -18.47 18.82
N LYS A 88 -11.37 -17.63 19.20
CA LYS A 88 -11.62 -16.21 19.58
C LYS A 88 -12.15 -15.46 18.35
N GLY A 89 -11.58 -15.70 17.17
CA GLY A 89 -12.05 -15.13 15.90
C GLY A 89 -13.50 -15.46 15.65
N ASP A 90 -13.84 -16.76 15.69
CA ASP A 90 -15.22 -17.28 15.52
C ASP A 90 -16.14 -16.54 16.49
N GLU A 91 -15.71 -16.38 17.75
CA GLU A 91 -16.51 -15.74 18.83
C GLU A 91 -16.78 -14.27 18.49
N LEU A 92 -15.75 -13.53 18.08
CA LEU A 92 -15.86 -12.09 17.74
C LEU A 92 -16.80 -11.96 16.54
N LEU A 93 -16.66 -12.85 15.56
CA LEU A 93 -17.46 -12.81 14.31
C LEU A 93 -18.93 -13.13 14.64
N ARG A 94 -19.18 -14.04 15.57
CA ARG A 94 -20.56 -14.34 16.04
C ARG A 94 -21.13 -13.10 16.72
N LYS A 95 -20.36 -12.45 17.60
CA LYS A 95 -20.80 -11.23 18.33
C LYS A 95 -21.10 -10.11 17.33
N ALA A 96 -20.21 -9.89 16.34
CA ALA A 96 -20.37 -8.85 15.30
C ALA A 96 -21.67 -9.11 14.53
N THR A 97 -21.91 -10.37 14.15
CA THR A 97 -23.16 -10.83 13.48
C THR A 97 -24.36 -10.51 14.37
N ASP A 98 -24.28 -10.79 15.68
CA ASP A 98 -25.39 -10.57 16.65
C ASP A 98 -25.72 -9.07 16.73
N VAL A 99 -24.69 -8.23 16.76
CA VAL A 99 -24.84 -6.75 16.85
C VAL A 99 -25.53 -6.26 15.57
N LEU A 100 -25.06 -6.71 14.40
CA LEU A 100 -25.61 -6.34 13.07
C LEU A 100 -27.10 -6.71 13.02
N TYR A 101 -27.43 -7.94 13.39
CA TYR A 101 -28.83 -8.46 13.39
C TYR A 101 -29.70 -7.56 14.28
N ALA A 102 -29.21 -7.19 15.47
CA ALA A 102 -29.91 -6.35 16.47
C ALA A 102 -30.18 -4.96 15.88
N LEU A 103 -29.31 -4.48 14.98
CA LEU A 103 -29.43 -3.13 14.38
C LEU A 103 -30.24 -3.20 13.08
N GLY A 104 -30.77 -4.38 12.73
CA GLY A 104 -31.56 -4.61 11.51
C GLY A 104 -30.70 -4.63 10.25
N GLY A 105 -29.39 -4.78 10.41
CA GLY A 105 -28.44 -4.80 9.27
C GLY A 105 -28.45 -6.15 8.58
N SER A 106 -27.98 -6.20 7.32
CA SER A 106 -27.97 -7.43 6.48
C SER A 106 -26.59 -7.69 5.88
N GLU A 107 -25.61 -6.80 6.06
CA GLU A 107 -24.24 -6.99 5.49
C GLU A 107 -23.19 -6.89 6.59
N LEU A 108 -22.45 -7.99 6.80
CA LEU A 108 -21.19 -8.02 7.59
C LEU A 108 -20.01 -8.15 6.63
N CYS A 109 -19.22 -7.09 6.47
CA CYS A 109 -18.20 -6.98 5.41
C CYS A 109 -16.84 -6.55 5.99
N GLY A 110 -15.85 -6.34 5.11
CA GLY A 110 -14.49 -5.92 5.48
C GLY A 110 -13.55 -7.11 5.60
N VAL A 111 -12.48 -6.95 6.38
CA VAL A 111 -11.43 -8.01 6.54
C VAL A 111 -11.84 -8.90 7.71
N ILE A 112 -12.79 -9.80 7.43
CA ILE A 112 -13.46 -10.70 8.42
C ILE A 112 -12.79 -12.09 8.38
N TYR A 113 -11.85 -12.30 7.45
CA TYR A 113 -11.32 -13.63 7.08
C TYR A 113 -9.87 -13.78 7.54
N CYS A 114 -9.34 -12.75 8.19
CA CYS A 114 -7.93 -12.71 8.70
C CYS A 114 -7.72 -11.47 9.55
N ALA A 115 -6.58 -11.38 10.22
CA ALA A 115 -6.14 -10.18 10.94
C ALA A 115 -5.89 -9.07 9.92
N LEU A 116 -6.51 -7.90 10.12
CA LEU A 116 -6.24 -6.68 9.32
C LEU A 116 -4.85 -6.15 9.71
N GLY A 117 -3.91 -6.17 8.76
CA GLY A 117 -2.60 -5.53 8.95
C GLY A 117 -1.50 -6.22 8.18
N LYS A 118 -0.25 -5.96 8.55
CA LYS A 118 0.94 -6.26 7.72
C LYS A 118 1.60 -7.55 8.22
N TYR A 119 1.22 -8.68 7.61
CA TYR A 119 1.81 -10.01 7.90
C TYR A 119 3.28 -9.95 7.56
N PRO A 120 4.16 -10.53 8.40
CA PRO A 120 5.60 -10.51 8.15
C PRO A 120 6.04 -11.57 7.13
N GLY A 121 5.11 -12.40 6.67
CA GLY A 121 5.40 -13.50 5.71
C GLY A 121 4.16 -13.96 4.97
N PRO A 122 4.32 -14.80 3.93
CA PRO A 122 3.19 -15.24 3.11
C PRO A 122 2.31 -16.23 3.88
N ALA A 123 1.06 -16.35 3.47
CA ALA A 123 0.07 -17.32 4.00
C ALA A 123 0.47 -18.73 3.53
N SER A 124 0.48 -19.68 4.47
CA SER A 124 0.62 -21.13 4.21
C SER A 124 -0.69 -21.67 3.64
N ARG A 125 -0.69 -22.91 3.16
CA ARG A 125 -1.93 -23.62 2.72
C ARG A 125 -2.88 -23.74 3.91
N GLU A 126 -2.34 -23.99 5.11
CA GLU A 126 -3.11 -24.14 6.36
C GLU A 126 -3.81 -22.81 6.69
N ASN A 127 -3.10 -21.70 6.54
CA ASN A 127 -3.63 -20.34 6.84
C ASN A 127 -4.89 -20.14 6.00
N ARG A 128 -4.79 -20.43 4.71
CA ARG A 128 -5.88 -20.19 3.74
C ARG A 128 -7.04 -21.13 4.09
N ALA A 129 -6.75 -22.41 4.30
CA ALA A 129 -7.73 -23.48 4.58
C ALA A 129 -8.54 -23.14 5.83
N ASN A 130 -7.85 -22.67 6.88
CA ASN A 130 -8.45 -22.24 8.17
C ASN A 130 -9.39 -21.05 7.92
N SER A 131 -8.96 -20.09 7.11
CA SER A 131 -9.76 -18.90 6.74
C SER A 131 -11.03 -19.35 6.00
N VAL A 132 -10.88 -20.27 5.04
CA VAL A 132 -12.02 -20.80 4.23
C VAL A 132 -13.02 -21.44 5.19
N ALA A 133 -12.55 -22.27 6.13
CA ALA A 133 -13.44 -23.03 7.05
C ALA A 133 -14.15 -22.04 7.98
N ALA A 134 -13.44 -21.00 8.42
CA ALA A 134 -13.94 -19.99 9.38
C ALA A 134 -15.06 -19.19 8.72
N MET A 135 -14.89 -18.91 7.42
CA MET A 135 -15.89 -18.14 6.63
C MET A 135 -17.10 -19.04 6.34
N GLN A 136 -16.90 -20.36 6.29
CA GLN A 136 -18.00 -21.36 6.19
C GLN A 136 -18.83 -21.32 7.48
N ARG A 137 -18.17 -21.42 8.64
CA ARG A 137 -18.86 -21.40 9.95
C ARG A 137 -19.58 -20.05 10.13
N LEU A 138 -18.95 -18.94 9.72
CA LEU A 138 -19.53 -17.59 9.92
C LEU A 138 -20.72 -17.44 8.99
N ALA A 139 -20.58 -17.82 7.72
CA ALA A 139 -21.67 -17.74 6.72
C ALA A 139 -22.89 -18.52 7.24
N ASP A 140 -22.66 -19.71 7.80
CA ASP A 140 -23.75 -20.60 8.30
C ASP A 140 -24.43 -19.95 9.49
N TYR A 141 -23.65 -19.31 10.38
CA TYR A 141 -24.17 -18.59 11.57
C TYR A 141 -25.00 -17.40 11.11
N ALA A 142 -24.48 -16.62 10.17
CA ALA A 142 -25.10 -15.38 9.64
C ALA A 142 -26.38 -15.73 8.88
N ALA A 143 -26.43 -16.89 8.22
CA ALA A 143 -27.55 -17.32 7.35
C ALA A 143 -28.83 -17.43 8.21
N ASP A 144 -28.68 -17.75 9.50
CA ASP A 144 -29.82 -17.96 10.44
C ASP A 144 -30.42 -16.60 10.82
N LYS A 145 -29.71 -15.52 10.53
CA LYS A 145 -30.07 -14.14 10.97
C LYS A 145 -30.20 -13.21 9.77
N GLY A 146 -30.44 -13.78 8.58
CA GLY A 146 -30.74 -13.02 7.35
C GLY A 146 -29.61 -12.08 6.96
N ILE A 147 -28.36 -12.50 7.22
CA ILE A 147 -27.16 -11.66 7.00
C ILE A 147 -26.27 -12.31 5.95
N ASN A 148 -25.80 -11.49 5.01
CA ASN A 148 -24.79 -11.84 3.97
C ASN A 148 -23.42 -11.42 4.51
N ILE A 149 -22.38 -12.22 4.26
CA ILE A 149 -20.99 -11.78 4.54
C ILE A 149 -20.31 -11.46 3.20
N ASP A 150 -19.57 -10.36 3.16
CA ASP A 150 -18.79 -9.90 1.98
C ASP A 150 -17.32 -9.76 2.39
N LEU A 151 -16.46 -10.60 1.84
CA LEU A 151 -15.00 -10.66 2.14
C LEU A 151 -14.30 -9.55 1.37
N GLU A 152 -13.74 -8.57 2.07
CA GLU A 152 -13.09 -7.40 1.45
C GLU A 152 -11.66 -7.75 1.05
N VAL A 153 -11.43 -7.81 -0.26
CA VAL A 153 -10.08 -7.91 -0.89
C VAL A 153 -9.33 -6.62 -0.54
N VAL A 154 -8.23 -6.71 0.22
CA VAL A 154 -7.42 -5.52 0.58
C VAL A 154 -5.99 -5.72 0.06
N ASN A 155 -5.18 -4.66 0.09
CA ASN A 155 -3.81 -4.65 -0.48
C ASN A 155 -2.89 -5.53 0.39
N ARG A 156 -1.68 -5.76 -0.13
CA ARG A 156 -0.64 -6.70 0.39
C ARG A 156 -0.22 -6.31 1.80
N TYR A 157 -0.36 -5.03 2.17
CA TYR A 157 0.05 -4.48 3.49
C TYR A 157 -1.06 -4.71 4.53
N GLU A 158 -2.20 -5.29 4.12
CA GLU A 158 -3.42 -5.39 4.97
C GLU A 158 -3.91 -6.83 5.04
N THR A 159 -3.51 -7.69 4.10
CA THR A 159 -3.72 -9.16 4.17
C THR A 159 -2.71 -9.89 3.28
N ASN A 160 -2.40 -11.14 3.63
CA ASN A 160 -1.58 -12.04 2.81
C ASN A 160 -2.47 -13.14 2.19
N ILE A 161 -3.79 -13.07 2.38
CA ILE A 161 -4.72 -14.18 1.99
C ILE A 161 -5.22 -13.95 0.55
N MET A 162 -5.65 -12.74 0.22
CA MET A 162 -6.19 -12.41 -1.13
C MET A 162 -6.12 -10.90 -1.36
N ASN A 163 -5.46 -10.50 -2.45
CA ASN A 163 -5.11 -9.08 -2.74
C ASN A 163 -5.84 -8.62 -4.01
N THR A 164 -6.46 -9.54 -4.76
CA THR A 164 -7.25 -9.21 -5.99
C THR A 164 -8.62 -9.88 -5.94
N GLY A 165 -9.60 -9.28 -6.62
CA GLY A 165 -10.96 -9.84 -6.76
C GLY A 165 -10.92 -11.24 -7.34
N LEU A 166 -10.00 -11.49 -8.27
CA LEU A 166 -9.83 -12.82 -8.92
C LEU A 166 -9.44 -13.84 -7.84
N GLU A 167 -8.51 -13.47 -6.96
CA GLU A 167 -8.08 -14.33 -5.83
C GLU A 167 -9.26 -14.54 -4.87
N GLY A 168 -9.96 -13.47 -4.52
CA GLY A 168 -11.18 -13.52 -3.68
C GLY A 168 -12.20 -14.51 -4.22
N LEU A 169 -12.45 -14.51 -5.54
CA LEU A 169 -13.48 -15.39 -6.15
C LEU A 169 -13.06 -16.86 -6.01
N ALA A 170 -11.79 -17.18 -6.27
CA ALA A 170 -11.23 -18.55 -6.10
C ALA A 170 -11.45 -19.00 -4.65
N PHE A 171 -11.17 -18.11 -3.70
CA PHE A 171 -11.37 -18.32 -2.24
C PHE A 171 -12.86 -18.59 -1.96
N LEU A 172 -13.73 -17.74 -2.50
CA LEU A 172 -15.20 -17.81 -2.27
C LEU A 172 -15.73 -19.13 -2.82
N ASP A 173 -15.07 -19.68 -3.84
CA ASP A 173 -15.50 -20.95 -4.47
C ASP A 173 -15.15 -22.12 -3.56
N GLU A 174 -14.10 -21.99 -2.73
CA GLU A 174 -13.72 -22.99 -1.71
C GLU A 174 -14.67 -22.85 -0.51
N VAL A 175 -15.03 -21.60 -0.15
CA VAL A 175 -16.04 -21.31 0.91
C VAL A 175 -17.37 -21.96 0.49
N ASN A 176 -17.86 -21.64 -0.70
CA ASN A 176 -19.03 -22.30 -1.32
C ASN A 176 -20.27 -22.11 -0.45
N ARG A 177 -20.58 -20.86 -0.11
CA ARG A 177 -21.78 -20.47 0.68
C ARG A 177 -22.61 -19.48 -0.14
N PRO A 178 -23.94 -19.66 -0.19
CA PRO A 178 -24.80 -18.79 -0.99
C PRO A 178 -24.81 -17.33 -0.49
N ASN A 179 -24.51 -17.13 0.80
CA ASN A 179 -24.61 -15.79 1.45
C ASN A 179 -23.21 -15.23 1.71
N ALA A 180 -22.19 -15.76 1.03
CA ALA A 180 -20.80 -15.24 1.06
C ALA A 180 -20.48 -14.60 -0.30
N PHE A 181 -20.05 -13.34 -0.28
CA PHE A 181 -19.84 -12.51 -1.50
C PHE A 181 -18.44 -11.92 -1.50
N LEU A 182 -18.04 -11.39 -2.66
CA LEU A 182 -16.81 -10.58 -2.80
C LEU A 182 -17.13 -9.14 -2.38
N HIS A 183 -16.18 -8.49 -1.71
CA HIS A 183 -16.23 -7.06 -1.33
C HIS A 183 -15.01 -6.37 -1.97
N LEU A 184 -15.25 -5.43 -2.89
CA LEU A 184 -14.15 -4.69 -3.58
C LEU A 184 -14.08 -3.26 -3.03
N ASP A 185 -12.87 -2.71 -3.04
CA ASP A 185 -12.55 -1.36 -2.50
C ASP A 185 -11.61 -0.67 -3.49
N THR A 186 -12.00 0.47 -4.04
CA THR A 186 -11.25 1.14 -5.14
C THR A 186 -9.85 1.51 -4.66
N TYR A 187 -9.71 1.89 -3.39
CA TYR A 187 -8.40 2.21 -2.78
C TYR A 187 -7.46 1.01 -2.97
N HIS A 188 -7.88 -0.18 -2.53
CA HIS A 188 -7.08 -1.43 -2.58
C HIS A 188 -6.91 -1.89 -4.02
N MET A 189 -7.94 -1.70 -4.84
CA MET A 189 -7.92 -2.10 -6.28
C MET A 189 -6.85 -1.28 -7.00
N ASN A 190 -6.74 0.00 -6.64
CA ASN A 190 -5.79 0.97 -7.26
C ASN A 190 -4.37 0.41 -7.17
N ILE A 191 -4.07 -0.31 -6.09
CA ILE A 191 -2.72 -0.91 -5.85
C ILE A 191 -2.60 -2.24 -6.59
N GLU A 192 -3.56 -3.16 -6.41
CA GLU A 192 -3.39 -4.60 -6.72
C GLU A 192 -3.92 -5.02 -8.10
N GLU A 193 -4.94 -4.35 -8.63
CA GLU A 193 -5.73 -4.86 -9.80
C GLU A 193 -5.09 -4.47 -11.14
N ASN A 194 -5.22 -5.36 -12.14
CA ASN A 194 -4.91 -5.12 -13.57
C ASN A 194 -6.03 -4.27 -14.18
N GLY A 195 -6.07 -2.98 -13.83
CA GLY A 195 -7.17 -2.08 -14.21
C GLY A 195 -8.37 -2.32 -13.33
N MET A 196 -9.38 -1.46 -13.42
CA MET A 196 -10.47 -1.36 -12.41
C MET A 196 -11.73 -2.15 -12.84
N ALA A 197 -11.65 -2.98 -13.90
CA ALA A 197 -12.83 -3.62 -14.51
C ALA A 197 -12.79 -5.15 -14.40
N LYS A 198 -11.60 -5.74 -14.56
CA LYS A 198 -11.36 -7.21 -14.68
C LYS A 198 -12.07 -7.98 -13.55
N SER A 199 -11.81 -7.62 -12.29
CA SER A 199 -12.37 -8.34 -11.11
C SER A 199 -13.88 -8.14 -10.99
N VAL A 200 -14.38 -6.93 -11.31
CA VAL A 200 -15.83 -6.62 -11.26
C VAL A 200 -16.55 -7.51 -12.28
N LEU A 201 -16.08 -7.51 -13.54
CA LEU A 201 -16.64 -8.34 -14.64
C LEU A 201 -16.63 -9.82 -14.23
N ALA A 202 -15.53 -10.29 -13.63
CA ALA A 202 -15.35 -11.72 -13.24
C ALA A 202 -16.32 -12.07 -12.10
N ALA A 203 -16.51 -11.15 -11.15
CA ALA A 203 -17.38 -11.33 -9.97
C ALA A 203 -18.86 -11.43 -10.38
N GLY A 204 -19.34 -10.52 -11.23
CA GLY A 204 -20.78 -10.44 -11.54
C GLY A 204 -21.62 -10.42 -10.27
N ASP A 205 -22.56 -11.35 -10.13
CA ASP A 205 -23.53 -11.38 -9.00
C ASP A 205 -22.82 -11.74 -7.68
N ARG A 206 -21.55 -12.16 -7.72
CA ARG A 206 -20.82 -12.51 -6.46
C ARG A 206 -20.21 -11.26 -5.83
N LEU A 207 -20.19 -10.13 -6.55
CA LEU A 207 -19.84 -8.83 -5.94
C LEU A 207 -21.01 -8.39 -5.06
N GLY A 208 -20.82 -8.44 -3.75
CA GLY A 208 -21.89 -8.24 -2.74
C GLY A 208 -21.80 -6.87 -2.08
N TYR A 209 -20.68 -6.18 -2.22
CA TYR A 209 -20.40 -4.95 -1.44
C TYR A 209 -19.23 -4.18 -2.04
N VAL A 210 -19.31 -2.85 -2.01
CA VAL A 210 -18.31 -1.94 -2.62
C VAL A 210 -17.92 -0.84 -1.63
N HIS A 211 -16.62 -0.56 -1.59
CA HIS A 211 -16.02 0.61 -0.90
C HIS A 211 -15.47 1.55 -1.96
N ILE A 212 -15.90 2.81 -1.91
CA ILE A 212 -15.34 3.93 -2.72
C ILE A 212 -14.32 4.68 -1.86
N GLY A 213 -13.04 4.57 -2.22
CA GLY A 213 -11.93 5.32 -1.60
C GLY A 213 -10.96 5.82 -2.66
N GLU A 214 -10.55 7.08 -2.56
CA GLU A 214 -9.50 7.68 -3.41
C GLU A 214 -8.16 6.98 -3.11
N SER A 215 -7.18 7.11 -3.99
CA SER A 215 -5.86 6.41 -3.92
C SER A 215 -5.18 6.70 -2.58
N HIS A 216 -5.34 7.92 -2.05
CA HIS A 216 -4.71 8.35 -0.76
C HIS A 216 -5.76 8.38 0.36
N ARG A 217 -7.00 7.98 0.05
CA ARG A 217 -8.15 7.84 1.00
C ARG A 217 -8.65 9.23 1.41
N GLY A 218 -8.28 10.27 0.67
CA GLY A 218 -8.76 11.65 0.88
C GLY A 218 -10.01 11.95 0.06
N TYR A 219 -10.17 13.22 -0.36
CA TYR A 219 -11.30 13.70 -1.19
C TYR A 219 -11.35 12.89 -2.50
N LEU A 220 -12.52 12.38 -2.84
CA LEU A 220 -12.77 11.68 -4.13
C LEU A 220 -12.43 12.65 -5.27
N GLY A 221 -11.56 12.21 -6.19
CA GLY A 221 -11.24 12.92 -7.44
C GLY A 221 -10.00 13.79 -7.30
N THR A 222 -9.27 13.68 -6.18
CA THR A 222 -8.01 14.45 -5.94
C THR A 222 -6.83 13.48 -5.91
N GLY A 223 -7.05 12.23 -6.34
CA GLY A 223 -6.03 11.17 -6.35
C GLY A 223 -5.92 10.54 -7.72
N ASN A 224 -5.57 9.24 -7.76
CA ASN A 224 -5.17 8.53 -9.00
C ASN A 224 -6.20 7.46 -9.38
N VAL A 225 -7.19 7.18 -8.51
CA VAL A 225 -8.14 6.06 -8.78
C VAL A 225 -8.89 6.42 -10.07
N ASP A 226 -8.93 5.47 -11.01
CA ASP A 226 -9.72 5.58 -12.26
C ASP A 226 -11.18 5.23 -11.94
N PHE A 227 -11.95 6.21 -11.44
CA PHE A 227 -13.36 6.00 -11.05
C PHE A 227 -14.22 5.85 -12.31
N ALA A 228 -13.82 6.48 -13.40
CA ALA A 228 -14.53 6.35 -14.71
C ALA A 228 -14.57 4.86 -15.09
N SER A 229 -13.41 4.20 -15.04
CA SER A 229 -13.24 2.76 -15.36
C SER A 229 -14.10 1.92 -14.39
N PHE A 230 -13.92 2.14 -13.08
CA PHE A 230 -14.55 1.33 -12.02
C PHE A 230 -16.09 1.39 -12.11
N PHE A 231 -16.65 2.58 -12.34
CA PHE A 231 -18.13 2.78 -12.33
C PHE A 231 -18.73 2.23 -13.62
N ALA A 232 -17.99 2.31 -14.74
CA ALA A 232 -18.36 1.69 -16.03
C ALA A 232 -18.51 0.17 -15.86
N ALA A 233 -17.59 -0.44 -15.09
CA ALA A 233 -17.55 -1.89 -14.80
C ALA A 233 -18.77 -2.29 -13.95
N LEU A 234 -19.07 -1.52 -12.89
CA LEU A 234 -20.25 -1.76 -12.02
C LEU A 234 -21.50 -1.73 -12.89
N LYS A 235 -21.58 -0.79 -13.82
CA LYS A 235 -22.73 -0.66 -14.75
C LYS A 235 -22.83 -1.92 -15.61
N GLN A 236 -21.69 -2.39 -16.15
CA GLN A 236 -21.63 -3.54 -17.09
C GLN A 236 -22.19 -4.80 -16.42
N ILE A 237 -22.14 -4.92 -15.10
CA ILE A 237 -22.73 -6.08 -14.35
C ILE A 237 -24.02 -5.64 -13.63
N ASP A 238 -24.48 -4.41 -13.88
CA ASP A 238 -25.67 -3.81 -13.23
C ASP A 238 -25.60 -4.07 -11.71
N TYR A 239 -24.49 -3.70 -11.08
CA TYR A 239 -24.27 -3.89 -9.63
C TYR A 239 -25.38 -3.15 -8.85
N ARG A 240 -26.11 -3.91 -8.02
CA ARG A 240 -27.14 -3.37 -7.10
C ARG A 240 -26.86 -3.87 -5.69
N GLY A 241 -26.09 -3.10 -4.93
CA GLY A 241 -25.67 -3.44 -3.56
C GLY A 241 -25.12 -2.23 -2.84
N PRO A 242 -24.73 -2.37 -1.56
CA PRO A 242 -24.15 -1.27 -0.81
C PRO A 242 -22.93 -0.65 -1.49
N ILE A 243 -22.86 0.68 -1.48
CA ILE A 243 -21.65 1.46 -1.86
C ILE A 243 -21.36 2.44 -0.72
N THR A 244 -20.36 2.16 0.11
CA THR A 244 -20.00 3.10 1.20
C THR A 244 -18.75 3.90 0.80
N PHE A 245 -18.83 5.20 1.04
CA PHE A 245 -17.68 6.14 1.00
C PHE A 245 -16.79 5.87 2.22
N GLU A 246 -15.51 5.69 1.97
CA GLU A 246 -14.50 5.35 3.01
C GLU A 246 -13.34 6.33 2.86
N SER A 247 -12.97 6.99 3.96
CA SER A 247 -11.90 8.02 4.01
C SER A 247 -11.30 8.08 5.41
N PHE A 248 -9.98 8.27 5.48
CA PHE A 248 -9.22 8.32 6.75
C PHE A 248 -8.29 9.52 6.72
N SER A 249 -8.42 10.38 7.72
CA SER A 249 -7.56 11.56 7.98
C SER A 249 -7.13 11.52 9.45
N SER A 250 -5.95 12.06 9.76
CA SER A 250 -5.41 12.17 11.13
C SER A 250 -6.38 13.00 11.99
N GLU A 251 -7.27 13.75 11.33
CA GLU A 251 -8.25 14.65 12.01
C GLU A 251 -9.22 13.80 12.84
N ILE A 252 -9.63 12.63 12.32
CA ILE A 252 -10.51 11.65 13.02
C ILE A 252 -9.77 10.32 13.16
N VAL A 253 -9.45 9.94 14.40
CA VAL A 253 -8.52 8.82 14.72
C VAL A 253 -9.22 7.82 15.66
N ASP A 254 -9.21 6.54 15.25
CA ASP A 254 -9.50 5.34 16.07
C ASP A 254 -8.16 4.73 16.45
N PRO A 255 -7.73 4.78 17.74
CA PRO A 255 -6.36 4.39 18.12
C PRO A 255 -5.84 3.09 17.49
N LYS A 256 -6.68 2.06 17.30
CA LYS A 256 -6.27 0.82 16.61
C LYS A 256 -6.36 1.00 15.09
N LEU A 257 -7.57 1.08 14.54
CA LEU A 257 -7.82 1.02 13.07
C LEU A 257 -6.89 2.00 12.32
N SER A 258 -6.77 3.24 12.80
CA SER A 258 -6.08 4.37 12.12
C SER A 258 -4.58 4.08 11.97
N ASN A 259 -3.94 3.60 13.03
CA ASN A 259 -2.48 3.26 13.03
C ASN A 259 -2.25 1.99 12.22
N THR A 260 -3.16 1.01 12.34
CA THR A 260 -3.14 -0.22 11.50
C THR A 260 -3.16 0.20 10.02
N LEU A 261 -3.92 1.23 9.69
CA LEU A 261 -4.14 1.70 8.29
C LEU A 261 -3.08 2.74 7.91
N CYS A 262 -2.17 3.06 8.84
CA CYS A 262 -1.01 3.96 8.61
C CYS A 262 -1.48 5.33 8.10
N VAL A 263 -2.51 5.90 8.74
CA VAL A 263 -3.10 7.22 8.36
C VAL A 263 -2.29 8.33 9.03
N TRP A 264 -1.12 8.65 8.46
CA TRP A 264 -0.13 9.60 9.01
C TRP A 264 -0.52 11.03 8.64
N ARG A 265 -1.35 11.21 7.60
CA ARG A 265 -1.57 12.53 6.97
C ARG A 265 -2.97 13.06 7.27
N ASN A 266 -3.07 14.39 7.32
CA ASN A 266 -4.34 15.15 7.42
C ASN A 266 -4.82 15.50 6.01
N LEU A 267 -5.74 14.69 5.48
CA LEU A 267 -6.23 14.80 4.07
C LEU A 267 -7.57 15.52 4.06
N TRP A 268 -8.07 15.90 5.24
CA TRP A 268 -9.33 16.66 5.41
C TRP A 268 -9.57 16.96 6.90
N HIS A 269 -10.46 17.91 7.18
CA HIS A 269 -10.83 18.35 8.55
C HIS A 269 -12.36 18.38 8.69
N ASP A 270 -13.07 18.73 7.62
CA ASP A 270 -14.54 18.93 7.58
C ASP A 270 -15.22 17.63 7.11
N SER A 271 -15.63 16.78 8.05
CA SER A 271 -16.40 15.53 7.79
C SER A 271 -17.57 15.81 6.86
N ASP A 272 -18.38 16.83 7.14
CA ASP A 272 -19.65 17.09 6.40
C ASP A 272 -19.31 17.46 4.95
N ASP A 273 -18.31 18.31 4.73
CA ASP A 273 -17.86 18.72 3.38
C ASP A 273 -17.34 17.50 2.62
N LEU A 274 -16.49 16.70 3.25
CA LEU A 274 -15.88 15.50 2.62
C LEU A 274 -16.99 14.52 2.21
N ALA A 275 -17.92 14.24 3.12
CA ALA A 275 -18.97 13.22 2.93
C ALA A 275 -20.00 13.73 1.92
N GLY A 276 -20.41 15.00 2.04
CA GLY A 276 -21.32 15.65 1.09
C GLY A 276 -20.79 15.55 -0.33
N LYS A 277 -19.53 15.97 -0.54
CA LYS A 277 -18.90 16.01 -1.89
C LYS A 277 -18.72 14.57 -2.39
N ALA A 278 -18.29 13.64 -1.54
CA ALA A 278 -18.11 12.21 -1.90
C ALA A 278 -19.44 11.65 -2.45
N LEU A 279 -20.56 11.89 -1.78
CA LEU A 279 -21.87 11.30 -2.18
C LEU A 279 -22.27 11.87 -3.55
N GLU A 280 -22.09 13.18 -3.75
CA GLU A 280 -22.39 13.88 -5.04
C GLU A 280 -21.51 13.26 -6.14
N PHE A 281 -20.24 13.02 -5.84
CA PHE A 281 -19.23 12.45 -6.76
C PHE A 281 -19.72 11.07 -7.23
N ILE A 282 -20.07 10.23 -6.26
CA ILE A 282 -20.57 8.84 -6.50
C ILE A 282 -21.85 8.89 -7.34
N LYS A 283 -22.86 9.66 -6.93
CA LYS A 283 -24.20 9.66 -7.58
C LYS A 283 -24.12 10.28 -8.98
N GLN A 284 -23.14 11.15 -9.21
CA GLN A 284 -22.90 11.74 -10.55
C GLN A 284 -22.45 10.63 -11.50
N ARG A 285 -21.80 9.59 -10.97
CA ARG A 285 -21.09 8.58 -11.80
C ARG A 285 -21.81 7.21 -11.75
N TYR A 286 -22.82 7.04 -10.88
CA TYR A 286 -23.52 5.75 -10.69
C TYR A 286 -24.93 5.98 -10.15
N GLY A 287 -25.89 5.14 -10.56
CA GLY A 287 -27.29 5.18 -10.08
C GLY A 287 -28.23 5.75 -11.13
N ALA B 2 26.80 18.72 -6.58
CA ALA B 2 26.24 17.49 -7.19
C ALA B 2 27.35 16.71 -7.90
N PHE B 3 27.38 15.39 -7.72
CA PHE B 3 28.28 14.50 -8.49
C PHE B 3 27.57 14.16 -9.78
N PRO B 4 28.31 13.86 -10.87
CA PRO B 4 27.70 13.79 -12.20
C PRO B 4 26.54 12.79 -12.21
N LYS B 5 25.42 13.20 -12.81
CA LYS B 5 24.26 12.34 -13.13
C LYS B 5 24.09 12.34 -14.65
N ARG B 6 23.67 11.21 -15.21
CA ARG B 6 23.35 11.11 -16.65
C ARG B 6 22.02 10.36 -16.77
N LEU B 7 21.27 10.65 -17.84
CA LEU B 7 20.08 9.86 -18.21
C LEU B 7 20.55 8.45 -18.55
N GLU B 8 20.23 7.48 -17.70
CA GLU B 8 20.64 6.06 -17.91
C GLU B 8 19.55 5.18 -17.30
N TYR B 9 19.49 3.93 -17.76
CA TYR B 9 18.41 2.97 -17.44
C TYR B 9 19.03 1.79 -16.69
N GLY B 10 18.40 1.42 -15.57
CA GLY B 10 18.87 0.32 -14.71
C GLY B 10 17.74 -0.65 -14.42
N GLY B 11 18.10 -1.86 -14.02
CA GLY B 11 17.17 -2.85 -13.46
C GLY B 11 17.49 -3.08 -12.00
N HIS B 12 16.48 -3.16 -11.14
CA HIS B 12 16.62 -3.56 -9.72
C HIS B 12 17.03 -5.03 -9.65
N ALA B 13 17.93 -5.38 -8.73
CA ALA B 13 18.51 -6.74 -8.59
C ALA B 13 17.39 -7.78 -8.47
N LEU B 14 16.32 -7.47 -7.72
CA LEU B 14 15.25 -8.43 -7.35
C LEU B 14 14.42 -8.81 -8.59
N VAL B 15 14.64 -8.15 -9.73
CA VAL B 15 14.05 -8.57 -11.03
C VAL B 15 14.66 -9.93 -11.41
N TRP B 16 15.88 -10.24 -10.96
CA TRP B 16 16.66 -11.42 -11.45
C TRP B 16 17.05 -12.36 -10.30
N SER B 17 17.41 -11.81 -9.13
CA SER B 17 18.12 -12.56 -8.05
C SER B 17 17.67 -12.07 -6.67
N GLY B 18 17.42 -13.01 -5.75
CA GLY B 18 16.96 -12.73 -4.37
C GLY B 18 18.12 -12.68 -3.39
N ASP B 19 19.35 -12.95 -3.84
CA ASP B 19 20.55 -12.87 -2.98
C ASP B 19 21.70 -12.22 -3.75
N TRP B 20 22.77 -11.87 -3.05
CA TRP B 20 23.99 -11.31 -3.68
C TRP B 20 25.20 -12.19 -3.34
N SER B 21 25.01 -13.51 -3.44
CA SER B 21 26.12 -14.51 -3.50
C SER B 21 26.81 -14.36 -4.86
N ALA B 22 27.97 -15.00 -5.03
CA ALA B 22 28.71 -15.04 -6.30
C ALA B 22 27.72 -15.34 -7.44
N ALA B 23 26.87 -16.35 -7.26
CA ALA B 23 25.90 -16.83 -8.27
C ALA B 23 24.78 -15.80 -8.45
N GLY B 24 24.27 -15.24 -7.35
CA GLY B 24 23.16 -14.27 -7.35
C GLY B 24 23.56 -12.96 -7.99
N ALA B 25 24.73 -12.43 -7.64
CA ALA B 25 25.30 -11.20 -8.23
C ALA B 25 25.41 -11.36 -9.74
N ARG B 26 26.01 -12.46 -10.20
CA ARG B 26 26.23 -12.76 -11.63
C ARG B 26 24.87 -12.85 -12.35
N LYS B 27 23.90 -13.55 -11.75
CA LYS B 27 22.55 -13.74 -12.34
C LYS B 27 21.92 -12.36 -12.59
N ALA B 28 22.06 -11.44 -11.63
CA ALA B 28 21.43 -10.10 -11.70
C ALA B 28 22.16 -9.25 -12.74
N ILE B 29 23.49 -9.17 -12.67
CA ILE B 29 24.35 -8.38 -13.59
C ILE B 29 24.21 -8.91 -15.03
N ALA B 30 24.32 -10.23 -15.24
CA ALA B 30 24.10 -10.86 -16.56
C ALA B 30 22.71 -10.48 -17.09
N GLY B 31 21.69 -10.55 -16.23
CA GLY B 31 20.29 -10.23 -16.57
C GLY B 31 20.14 -8.80 -17.07
N ALA B 32 20.68 -7.85 -16.31
CA ALA B 32 20.67 -6.40 -16.65
C ALA B 32 21.36 -6.20 -18.01
N ALA B 33 22.56 -6.77 -18.18
CA ALA B 33 23.37 -6.67 -19.41
C ALA B 33 22.59 -7.27 -20.59
N ARG B 34 22.01 -8.46 -20.42
CA ARG B 34 21.31 -9.19 -21.49
C ARG B 34 20.16 -8.32 -22.02
N ALA B 35 19.44 -7.65 -21.12
CA ALA B 35 18.24 -6.84 -21.44
C ALA B 35 18.67 -5.49 -22.05
N GLY B 36 19.92 -5.09 -21.86
CA GLY B 36 20.51 -3.87 -22.46
C GLY B 36 20.44 -2.67 -21.52
N TYR B 37 20.28 -2.91 -20.23
CA TYR B 37 20.30 -1.86 -19.17
C TYR B 37 21.72 -1.29 -19.08
N ASP B 38 21.83 -0.04 -18.63
CA ASP B 38 23.12 0.69 -18.47
C ASP B 38 23.74 0.30 -17.13
N TYR B 39 22.90 0.04 -16.13
CA TYR B 39 23.35 -0.26 -14.75
C TYR B 39 22.41 -1.27 -14.08
N ILE B 40 22.93 -1.90 -13.03
CA ILE B 40 22.17 -2.74 -12.07
C ILE B 40 22.02 -1.89 -10.81
N GLU B 41 20.87 -1.94 -10.15
CA GLU B 41 20.70 -1.36 -8.80
C GLU B 41 20.79 -2.49 -7.78
N ILE B 42 21.85 -2.48 -6.97
CA ILE B 42 22.09 -3.49 -5.91
C ILE B 42 21.29 -3.09 -4.67
N ALA B 43 20.50 -4.02 -4.13
CA ALA B 43 19.78 -3.89 -2.84
C ALA B 43 20.71 -4.24 -1.69
N LEU B 44 21.27 -3.22 -1.02
CA LEU B 44 22.35 -3.35 0.01
C LEU B 44 21.77 -3.31 1.42
N LEU B 45 20.80 -4.15 1.75
CA LEU B 45 20.15 -4.10 3.09
C LEU B 45 21.16 -4.53 4.16
N ASP B 46 22.10 -5.42 3.81
CA ASP B 46 23.28 -5.75 4.66
C ASP B 46 24.56 -5.57 3.85
N PRO B 47 25.19 -4.38 3.93
CA PRO B 47 26.33 -4.07 3.06
C PRO B 47 27.61 -4.86 3.38
N TRP B 48 27.66 -5.52 4.54
CA TRP B 48 28.82 -6.38 4.95
C TRP B 48 28.78 -7.71 4.20
N GLN B 49 27.62 -8.06 3.65
CA GLN B 49 27.38 -9.34 2.91
C GLN B 49 28.15 -9.35 1.59
N ILE B 50 28.23 -8.20 0.93
CA ILE B 50 28.71 -8.07 -0.49
C ILE B 50 30.18 -8.44 -0.59
N ASP B 51 30.51 -9.39 -1.48
CA ASP B 51 31.88 -9.61 -2.00
C ASP B 51 32.16 -8.52 -3.04
N VAL B 52 32.91 -7.48 -2.65
CA VAL B 52 33.10 -6.24 -3.46
C VAL B 52 33.98 -6.54 -4.67
N ALA B 53 35.08 -7.29 -4.49
CA ALA B 53 36.04 -7.66 -5.56
C ALA B 53 35.32 -8.49 -6.63
N LEU B 54 34.55 -9.50 -6.20
CA LEU B 54 33.73 -10.39 -7.06
C LEU B 54 32.78 -9.53 -7.89
N THR B 55 32.05 -8.62 -7.26
CA THR B 55 31.02 -7.75 -7.90
C THR B 55 31.68 -6.80 -8.90
N LYS B 56 32.76 -6.13 -8.47
CA LYS B 56 33.56 -5.23 -9.34
C LYS B 56 33.98 -5.98 -10.62
N ASP B 57 34.51 -7.20 -10.45
CA ASP B 57 34.92 -8.10 -11.58
C ASP B 57 33.71 -8.38 -12.49
N LEU B 58 32.53 -8.63 -11.91
CA LEU B 58 31.29 -8.93 -12.66
C LEU B 58 30.87 -7.71 -13.46
N LEU B 59 30.96 -6.52 -12.83
CA LEU B 59 30.60 -5.24 -13.48
C LEU B 59 31.54 -4.98 -14.67
N GLN B 60 32.83 -5.29 -14.51
CA GLN B 60 33.83 -5.20 -15.62
C GLN B 60 33.47 -6.21 -16.72
N GLU B 61 33.20 -7.47 -16.34
CA GLU B 61 32.98 -8.60 -17.29
C GLU B 61 31.81 -8.25 -18.23
N TYR B 62 30.74 -7.65 -17.68
CA TYR B 62 29.45 -7.42 -18.39
C TYR B 62 29.36 -5.96 -18.86
N ASN B 63 30.41 -5.18 -18.65
CA ASN B 63 30.48 -3.75 -19.07
C ASN B 63 29.26 -3.02 -18.51
N LEU B 64 29.03 -3.12 -17.19
CA LEU B 64 27.81 -2.59 -16.53
C LEU B 64 28.23 -1.68 -15.38
N ARG B 65 27.48 -0.58 -15.18
CA ARG B 65 27.63 0.29 -13.98
C ARG B 65 26.68 -0.22 -12.90
N ALA B 66 26.87 0.24 -11.67
CA ALA B 66 26.05 -0.15 -10.50
C ALA B 66 25.72 1.09 -9.67
N HIS B 67 24.47 1.19 -9.25
CA HIS B 67 24.03 2.04 -8.13
C HIS B 67 23.48 1.11 -7.04
N ALA B 68 23.31 1.60 -5.82
CA ALA B 68 22.78 0.80 -4.70
C ALA B 68 21.60 1.54 -4.07
N SER B 69 20.55 0.79 -3.74
CA SER B 69 19.44 1.24 -2.87
C SER B 69 19.44 0.37 -1.60
N LEU B 70 18.86 0.89 -0.53
CA LEU B 70 18.62 0.05 0.67
C LEU B 70 17.45 0.61 1.49
N GLY B 71 16.96 -0.22 2.39
CA GLY B 71 16.08 0.16 3.49
C GLY B 71 16.80 -0.12 4.79
N LEU B 72 16.67 0.78 5.76
CA LEU B 72 17.14 0.53 7.15
C LEU B 72 16.14 -0.43 7.79
N SER B 73 16.48 -0.98 8.95
CA SER B 73 15.59 -1.83 9.78
C SER B 73 15.48 -1.21 11.18
N ALA B 74 14.71 -1.83 12.06
CA ALA B 74 14.47 -1.35 13.44
C ALA B 74 15.83 -1.11 14.13
N ALA B 75 16.79 -2.01 13.88
CA ALA B 75 18.10 -2.05 14.57
C ALA B 75 19.01 -0.92 14.08
N THR B 76 18.66 -0.25 12.97
CA THR B 76 19.52 0.78 12.33
C THR B 76 18.69 2.02 11.98
N ASP B 77 17.56 2.23 12.66
CA ASP B 77 16.57 3.29 12.35
C ASP B 77 17.11 4.65 12.82
N VAL B 78 17.47 5.52 11.86
CA VAL B 78 18.07 6.86 12.13
C VAL B 78 16.99 7.86 12.53
N THR B 79 15.71 7.46 12.57
CA THR B 79 14.62 8.30 13.15
C THR B 79 14.48 8.01 14.64
N SER B 80 15.12 6.95 15.14
CA SER B 80 14.97 6.45 16.53
C SER B 80 15.36 7.52 17.54
N THR B 81 14.68 7.53 18.70
CA THR B 81 15.03 8.39 19.87
C THR B 81 16.09 7.67 20.70
N ASP B 82 16.48 6.46 20.29
CA ASP B 82 17.58 5.66 20.90
C ASP B 82 18.88 6.03 20.21
N PRO B 83 19.82 6.71 20.89
CA PRO B 83 21.03 7.20 20.25
C PRO B 83 21.92 6.05 19.74
N ALA B 84 21.89 4.88 20.39
CA ALA B 84 22.67 3.69 19.98
C ALA B 84 22.12 3.15 18.66
N ILE B 85 20.80 3.20 18.47
CA ILE B 85 20.13 2.73 17.22
C ILE B 85 20.48 3.70 16.09
N VAL B 86 20.41 5.01 16.32
CA VAL B 86 20.76 6.03 15.29
C VAL B 86 22.22 5.81 14.86
N ALA B 87 23.11 5.53 15.82
CA ALA B 87 24.56 5.32 15.60
C ALA B 87 24.77 4.10 14.68
N LYS B 88 24.00 3.03 14.91
CA LYS B 88 23.99 1.77 14.12
C LYS B 88 23.58 2.09 12.68
N GLY B 89 22.57 2.94 12.51
CA GLY B 89 22.15 3.46 11.20
C GLY B 89 23.28 4.17 10.49
N ASP B 90 23.90 5.15 11.15
CA ASP B 90 25.04 5.93 10.61
C ASP B 90 26.11 4.95 10.08
N GLU B 91 26.43 3.93 10.88
CA GLU B 91 27.48 2.91 10.58
C GLU B 91 27.10 2.14 9.31
N LEU B 92 25.88 1.60 9.24
CA LEU B 92 25.42 0.80 8.07
C LEU B 92 25.47 1.66 6.80
N LEU B 93 25.00 2.90 6.85
CA LEU B 93 24.96 3.82 5.68
C LEU B 93 26.39 4.15 5.24
N ARG B 94 27.32 4.32 6.19
CA ARG B 94 28.77 4.52 5.91
C ARG B 94 29.30 3.29 5.17
N LYS B 95 28.98 2.08 5.67
CA LYS B 95 29.44 0.82 5.05
C LYS B 95 28.87 0.74 3.63
N ALA B 96 27.58 1.04 3.47
CA ALA B 96 26.89 1.08 2.16
C ALA B 96 27.65 2.03 1.22
N THR B 97 27.97 3.23 1.71
CA THR B 97 28.74 4.25 0.95
C THR B 97 30.09 3.67 0.54
N ASP B 98 30.80 3.05 1.48
CA ASP B 98 32.14 2.43 1.25
C ASP B 98 32.04 1.40 0.11
N VAL B 99 31.04 0.52 0.15
CA VAL B 99 30.81 -0.56 -0.86
C VAL B 99 30.63 0.11 -2.24
N LEU B 100 29.74 1.09 -2.31
CA LEU B 100 29.37 1.81 -3.56
C LEU B 100 30.62 2.50 -4.11
N TYR B 101 31.42 3.10 -3.23
CA TYR B 101 32.68 3.80 -3.60
C TYR B 101 33.65 2.78 -4.22
N ALA B 102 33.80 1.61 -3.60
CA ALA B 102 34.71 0.53 -4.07
C ALA B 102 34.23 -0.01 -5.42
N LEU B 103 32.93 0.08 -5.71
CA LEU B 103 32.30 -0.39 -6.99
C LEU B 103 32.30 0.75 -8.01
N GLY B 104 32.81 1.92 -7.63
CA GLY B 104 32.89 3.12 -8.49
C GLY B 104 31.52 3.72 -8.76
N GLY B 105 30.54 3.42 -7.90
CA GLY B 105 29.15 3.90 -8.00
C GLY B 105 29.02 5.33 -7.51
N SER B 106 27.96 6.03 -7.95
CA SER B 106 27.77 7.48 -7.68
C SER B 106 26.43 7.76 -6.99
N GLU B 107 25.57 6.75 -6.78
CA GLU B 107 24.22 6.97 -6.23
C GLU B 107 23.90 5.94 -5.15
N LEU B 108 23.70 6.42 -3.92
CA LEU B 108 23.06 5.65 -2.82
C LEU B 108 21.64 6.20 -2.66
N CYS B 109 20.63 5.39 -2.95
CA CYS B 109 19.22 5.82 -2.96
C CYS B 109 18.35 4.84 -2.15
N GLY B 110 17.04 5.10 -2.14
CA GLY B 110 16.03 4.26 -1.47
C GLY B 110 15.65 4.82 -0.11
N VAL B 111 15.17 3.95 0.77
CA VAL B 111 14.67 4.34 2.11
C VAL B 111 15.86 4.32 3.08
N ILE B 112 16.76 5.30 2.92
CA ILE B 112 18.04 5.44 3.66
C ILE B 112 17.83 6.30 4.91
N TYR B 113 16.63 6.83 5.10
CA TYR B 113 16.33 7.88 6.11
C TYR B 113 15.43 7.33 7.23
N CYS B 114 15.06 6.05 7.17
CA CYS B 114 14.24 5.39 8.22
C CYS B 114 14.25 3.87 8.07
N ALA B 115 13.60 3.18 9.01
CA ALA B 115 13.37 1.72 8.94
C ALA B 115 12.27 1.50 7.90
N LEU B 116 12.59 0.79 6.82
CA LEU B 116 11.61 0.46 5.76
C LEU B 116 10.58 -0.48 6.37
N GLY B 117 9.32 -0.05 6.41
CA GLY B 117 8.22 -0.88 6.93
C GLY B 117 7.17 -0.07 7.65
N LYS B 118 6.27 -0.77 8.33
CA LYS B 118 5.09 -0.13 8.99
C LYS B 118 5.50 0.32 10.39
N TYR B 119 5.32 1.62 10.67
CA TYR B 119 5.49 2.24 12.01
C TYR B 119 4.19 2.10 12.78
N PRO B 120 4.27 1.90 14.11
CA PRO B 120 3.08 1.77 14.95
C PRO B 120 2.28 3.07 15.13
N GLY B 121 2.88 4.21 14.76
CA GLY B 121 2.26 5.55 14.91
C GLY B 121 2.94 6.61 14.06
N PRO B 122 2.42 7.86 14.04
CA PRO B 122 3.01 8.93 13.26
C PRO B 122 4.38 9.35 13.79
N ALA B 123 5.26 9.83 12.91
CA ALA B 123 6.58 10.37 13.26
C ALA B 123 6.41 11.68 14.03
N SER B 124 7.13 11.83 15.14
CA SER B 124 7.25 13.07 15.93
C SER B 124 8.19 14.03 15.19
N ARG B 125 8.28 15.28 15.64
CA ARG B 125 9.24 16.24 15.02
C ARG B 125 10.66 15.83 15.44
N GLU B 126 10.79 15.09 16.54
CA GLU B 126 12.10 14.50 16.99
C GLU B 126 12.55 13.44 15.98
N ASN B 127 11.69 12.46 15.70
CA ASN B 127 11.96 11.39 14.70
C ASN B 127 12.50 12.04 13.43
N ARG B 128 11.80 13.06 12.91
CA ARG B 128 12.13 13.72 11.62
C ARG B 128 13.46 14.47 11.73
N ALA B 129 13.67 15.21 12.82
CA ALA B 129 14.93 15.95 13.09
C ALA B 129 16.10 14.96 13.10
N ASN B 130 15.94 13.81 13.75
CA ASN B 130 16.99 12.77 13.87
C ASN B 130 17.34 12.27 12.47
N SER B 131 16.32 12.07 11.64
CA SER B 131 16.47 11.60 10.24
C SER B 131 17.22 12.66 9.43
N VAL B 132 16.78 13.92 9.47
CA VAL B 132 17.41 15.04 8.71
C VAL B 132 18.89 15.12 9.08
N ALA B 133 19.22 15.03 10.37
CA ALA B 133 20.61 15.16 10.88
C ALA B 133 21.45 13.97 10.42
N ALA B 134 20.90 12.76 10.46
CA ALA B 134 21.59 11.53 9.98
C ALA B 134 21.84 11.64 8.47
N MET B 135 20.90 12.22 7.72
CA MET B 135 21.03 12.37 6.24
C MET B 135 22.09 13.44 5.95
N GLN B 136 22.23 14.44 6.82
CA GLN B 136 23.29 15.49 6.69
C GLN B 136 24.65 14.80 6.85
N ARG B 137 24.81 14.00 7.93
CA ARG B 137 26.05 13.26 8.23
C ARG B 137 26.37 12.31 7.06
N LEU B 138 25.38 11.58 6.57
CA LEU B 138 25.59 10.62 5.43
C LEU B 138 26.03 11.38 4.19
N ALA B 139 25.33 12.48 3.85
CA ALA B 139 25.58 13.29 2.64
C ALA B 139 27.04 13.79 2.67
N ASP B 140 27.51 14.25 3.82
CA ASP B 140 28.89 14.79 4.00
C ASP B 140 29.90 13.64 3.83
N TYR B 141 29.62 12.46 4.41
CA TYR B 141 30.46 11.25 4.27
C TYR B 141 30.50 10.81 2.80
N ALA B 142 29.33 10.78 2.16
CA ALA B 142 29.17 10.38 0.75
C ALA B 142 29.93 11.34 -0.17
N ALA B 143 29.86 12.65 0.13
CA ALA B 143 30.49 13.71 -0.70
C ALA B 143 32.01 13.50 -0.79
N ASP B 144 32.64 13.03 0.30
CA ASP B 144 34.10 12.75 0.31
C ASP B 144 34.42 11.63 -0.68
N LYS B 145 33.42 10.83 -1.06
CA LYS B 145 33.60 9.62 -1.91
C LYS B 145 32.87 9.81 -3.24
N GLY B 146 32.50 11.05 -3.57
CA GLY B 146 31.89 11.42 -4.86
C GLY B 146 30.58 10.70 -5.07
N ILE B 147 29.79 10.54 -4.01
CA ILE B 147 28.49 9.81 -4.02
C ILE B 147 27.35 10.79 -3.68
N ASN B 148 26.34 10.83 -4.54
CA ASN B 148 25.04 11.51 -4.28
C ASN B 148 24.16 10.57 -3.45
N ILE B 149 23.32 11.13 -2.58
CA ILE B 149 22.24 10.34 -1.90
C ILE B 149 20.89 10.85 -2.40
N ASP B 150 19.96 9.92 -2.62
CA ASP B 150 18.61 10.21 -3.16
C ASP B 150 17.59 9.62 -2.19
N LEU B 151 16.82 10.50 -1.54
CA LEU B 151 15.79 10.19 -0.50
C LEU B 151 14.54 9.64 -1.22
N GLU B 152 14.24 8.35 -1.14
CA GLU B 152 13.08 7.77 -1.88
C GLU B 152 11.80 7.94 -1.08
N VAL B 153 10.87 8.73 -1.58
CA VAL B 153 9.51 8.87 -0.98
C VAL B 153 8.79 7.53 -1.19
N VAL B 154 8.29 6.93 -0.11
CA VAL B 154 7.56 5.62 -0.17
C VAL B 154 6.21 5.78 0.52
N ASN B 155 5.33 4.81 0.34
CA ASN B 155 3.91 4.90 0.78
C ASN B 155 3.84 4.76 2.30
N ARG B 156 2.66 5.03 2.85
CA ARG B 156 2.35 5.08 4.31
C ARG B 156 2.73 3.77 5.02
N TYR B 157 2.65 2.63 4.34
CA TYR B 157 2.95 1.29 4.92
C TYR B 157 4.45 1.05 5.04
N GLU B 158 5.27 1.91 4.42
CA GLU B 158 6.74 1.69 4.28
C GLU B 158 7.52 2.80 4.98
N THR B 159 6.91 3.95 5.28
CA THR B 159 7.51 5.03 6.11
C THR B 159 6.42 5.93 6.70
N ASN B 160 6.71 6.57 7.83
CA ASN B 160 5.83 7.61 8.43
C ASN B 160 6.45 9.00 8.22
N ILE B 161 7.63 9.07 7.59
CA ILE B 161 8.44 10.32 7.50
C ILE B 161 7.95 11.19 6.33
N MET B 162 7.81 10.61 5.15
CA MET B 162 7.36 11.37 3.95
C MET B 162 6.75 10.39 2.94
N ASN B 163 5.57 10.73 2.43
CA ASN B 163 4.75 9.83 1.58
C ASN B 163 4.45 10.52 0.24
N THR B 164 4.72 11.81 0.11
CA THR B 164 4.54 12.57 -1.15
C THR B 164 5.85 13.26 -1.52
N GLY B 165 6.05 13.53 -2.81
CA GLY B 165 7.23 14.26 -3.34
C GLY B 165 7.35 15.63 -2.70
N LEU B 166 6.23 16.33 -2.53
CA LEU B 166 6.18 17.66 -1.86
C LEU B 166 6.76 17.52 -0.44
N GLU B 167 6.33 16.52 0.33
CA GLU B 167 6.88 16.23 1.69
C GLU B 167 8.37 15.89 1.54
N GLY B 168 8.72 15.11 0.52
CA GLY B 168 10.11 14.72 0.20
C GLY B 168 11.01 15.94 0.05
N LEU B 169 10.55 16.94 -0.70
CA LEU B 169 11.31 18.17 -1.02
C LEU B 169 11.53 19.03 0.23
N ALA B 170 10.54 19.11 1.13
CA ALA B 170 10.63 19.88 2.39
C ALA B 170 11.69 19.22 3.30
N PHE B 171 11.64 17.89 3.41
CA PHE B 171 12.66 17.09 4.14
C PHE B 171 14.04 17.37 3.53
N LEU B 172 14.13 17.24 2.20
CA LEU B 172 15.37 17.46 1.41
C LEU B 172 16.00 18.82 1.74
N ASP B 173 15.20 19.89 1.73
CA ASP B 173 15.74 21.27 1.92
C ASP B 173 16.18 21.44 3.37
N GLU B 174 15.55 20.73 4.32
CA GLU B 174 15.97 20.71 5.74
C GLU B 174 17.36 20.06 5.84
N VAL B 175 17.61 19.02 5.04
CA VAL B 175 18.93 18.31 4.95
C VAL B 175 19.97 19.33 4.49
N ASN B 176 19.63 20.11 3.46
CA ASN B 176 20.44 21.27 2.96
C ASN B 176 21.87 20.81 2.67
N ARG B 177 22.02 19.88 1.73
CA ARG B 177 23.34 19.39 1.24
C ARG B 177 23.33 19.38 -0.28
N PRO B 178 24.43 19.79 -0.93
CA PRO B 178 24.48 19.87 -2.40
C PRO B 178 24.35 18.51 -3.10
N ASN B 179 24.74 17.41 -2.43
CA ASN B 179 24.73 16.05 -3.04
C ASN B 179 23.56 15.23 -2.51
N ALA B 180 22.52 15.87 -1.97
CA ALA B 180 21.26 15.22 -1.53
C ALA B 180 20.16 15.57 -2.52
N PHE B 181 19.36 14.57 -2.93
CA PHE B 181 18.30 14.71 -3.95
C PHE B 181 17.03 13.98 -3.51
N LEU B 182 15.91 14.31 -4.17
CA LEU B 182 14.63 13.57 -4.07
C LEU B 182 14.72 12.32 -4.98
N HIS B 183 14.12 11.23 -4.53
CA HIS B 183 13.96 9.95 -5.29
C HIS B 183 12.47 9.64 -5.36
N LEU B 184 11.89 9.64 -6.56
CA LEU B 184 10.46 9.34 -6.79
C LEU B 184 10.31 7.94 -7.39
N ASP B 185 9.22 7.26 -7.02
CA ASP B 185 8.90 5.87 -7.42
C ASP B 185 7.42 5.84 -7.84
N THR B 186 7.13 5.54 -9.11
CA THR B 186 5.77 5.62 -9.68
C THR B 186 4.79 4.74 -8.90
N TYR B 187 5.27 3.62 -8.34
CA TYR B 187 4.45 2.67 -7.54
C TYR B 187 3.93 3.35 -6.27
N HIS B 188 4.82 4.04 -5.56
CA HIS B 188 4.50 4.79 -4.31
C HIS B 188 3.63 6.00 -4.65
N MET B 189 3.96 6.69 -5.75
CA MET B 189 3.25 7.90 -6.25
C MET B 189 1.79 7.54 -6.58
N ASN B 190 1.59 6.36 -7.18
CA ASN B 190 0.26 5.83 -7.58
C ASN B 190 -0.69 5.82 -6.37
N ILE B 191 -0.15 5.58 -5.17
CA ILE B 191 -0.93 5.51 -3.90
C ILE B 191 -1.15 6.93 -3.34
N GLU B 192 -0.08 7.72 -3.18
CA GLU B 192 -0.07 8.87 -2.23
C GLU B 192 -0.30 10.21 -2.95
N GLU B 193 0.08 10.33 -4.22
CA GLU B 193 0.21 11.63 -4.94
C GLU B 193 -1.15 12.06 -5.52
N ASN B 194 -1.37 13.38 -5.62
CA ASN B 194 -2.49 13.99 -6.36
C ASN B 194 -2.07 14.10 -7.83
N GLY B 195 -2.17 13.00 -8.59
CA GLY B 195 -1.69 12.91 -9.98
C GLY B 195 -0.18 12.67 -10.04
N MET B 196 0.36 12.44 -11.24
CA MET B 196 1.74 11.93 -11.43
C MET B 196 2.68 13.04 -11.92
N ALA B 197 2.27 14.31 -11.88
CA ALA B 197 3.01 15.45 -12.46
C ALA B 197 3.48 16.43 -11.37
N LYS B 198 2.65 16.70 -10.37
CA LYS B 198 2.82 17.80 -9.40
C LYS B 198 4.21 17.72 -8.73
N SER B 199 4.58 16.58 -8.14
CA SER B 199 5.84 16.43 -7.39
C SER B 199 7.04 16.61 -8.33
N VAL B 200 6.97 16.03 -9.54
CA VAL B 200 8.05 16.14 -10.55
C VAL B 200 8.26 17.61 -10.92
N LEU B 201 7.19 18.34 -11.26
CA LEU B 201 7.28 19.77 -11.67
C LEU B 201 7.85 20.60 -10.51
N ALA B 202 7.42 20.32 -9.28
CA ALA B 202 7.90 21.03 -8.06
C ALA B 202 9.38 20.73 -7.82
N ALA B 203 9.80 19.47 -8.02
CA ALA B 203 11.16 18.99 -7.70
C ALA B 203 12.18 19.70 -8.61
N GLY B 204 11.90 19.77 -9.92
CA GLY B 204 12.89 20.22 -10.92
C GLY B 204 14.24 19.55 -10.70
N ASP B 205 15.30 20.36 -10.58
CA ASP B 205 16.72 19.90 -10.48
C ASP B 205 16.94 19.15 -9.16
N ARG B 206 15.98 19.17 -8.23
CA ARG B 206 16.11 18.47 -6.91
C ARG B 206 15.78 16.98 -7.09
N LEU B 207 15.13 16.60 -8.19
CA LEU B 207 14.87 15.16 -8.52
C LEU B 207 16.18 14.56 -9.05
N GLY B 208 16.72 13.55 -8.34
CA GLY B 208 18.04 12.98 -8.64
C GLY B 208 17.98 11.52 -9.04
N TYR B 209 16.82 10.89 -8.88
CA TYR B 209 16.68 9.42 -9.08
C TYR B 209 15.21 9.06 -9.27
N VAL B 210 14.93 8.11 -10.17
CA VAL B 210 13.55 7.66 -10.48
C VAL B 210 13.49 6.13 -10.46
N HIS B 211 12.45 5.59 -9.82
CA HIS B 211 12.02 4.18 -9.96
C HIS B 211 10.74 4.10 -10.80
N ILE B 212 10.75 3.22 -11.78
CA ILE B 212 9.57 2.89 -12.62
C ILE B 212 8.99 1.55 -12.14
N GLY B 213 7.87 1.62 -11.42
CA GLY B 213 7.11 0.43 -10.97
C GLY B 213 5.65 0.57 -11.34
N GLU B 214 5.03 -0.50 -11.85
CA GLU B 214 3.57 -0.59 -12.11
C GLU B 214 2.86 -0.56 -10.77
N SER B 215 1.57 -0.22 -10.77
CA SER B 215 0.72 -0.13 -9.55
C SER B 215 0.91 -1.37 -8.66
N HIS B 216 1.05 -2.56 -9.25
CA HIS B 216 1.14 -3.87 -8.54
C HIS B 216 2.57 -4.39 -8.51
N ARG B 217 3.53 -3.59 -8.99
CA ARG B 217 5.00 -3.88 -9.04
C ARG B 217 5.26 -5.03 -10.03
N GLY B 218 4.39 -5.19 -11.03
CA GLY B 218 4.49 -6.27 -12.05
C GLY B 218 4.90 -5.74 -13.41
N TYR B 219 4.43 -6.37 -14.48
CA TYR B 219 4.67 -5.95 -15.89
C TYR B 219 4.22 -4.48 -16.04
N LEU B 220 5.05 -3.65 -16.69
CA LEU B 220 4.70 -2.24 -16.97
C LEU B 220 3.53 -2.22 -17.95
N GLY B 221 2.50 -1.40 -17.66
CA GLY B 221 1.34 -1.19 -18.55
C GLY B 221 0.25 -2.22 -18.37
N THR B 222 0.33 -3.04 -17.32
CA THR B 222 -0.70 -4.06 -16.95
C THR B 222 -1.43 -3.62 -15.68
N GLY B 223 -1.16 -2.41 -15.20
CA GLY B 223 -1.75 -1.87 -13.97
C GLY B 223 -2.40 -0.52 -14.16
N ASN B 224 -2.27 0.34 -13.16
CA ASN B 224 -3.12 1.55 -12.98
C ASN B 224 -2.28 2.82 -13.09
N VAL B 225 -0.95 2.72 -13.09
CA VAL B 225 -0.06 3.90 -13.07
C VAL B 225 -0.25 4.68 -14.39
N ASP B 226 -0.50 5.98 -14.26
CA ASP B 226 -0.59 6.92 -15.41
C ASP B 226 0.85 7.30 -15.80
N PHE B 227 1.49 6.45 -16.61
CA PHE B 227 2.91 6.64 -17.04
C PHE B 227 3.01 7.83 -18.00
N ALA B 228 1.99 8.03 -18.83
CA ALA B 228 1.92 9.13 -19.82
C ALA B 228 2.14 10.47 -19.10
N SER B 229 1.40 10.73 -18.02
CA SER B 229 1.46 11.99 -17.24
C SER B 229 2.84 12.14 -16.58
N PHE B 230 3.35 11.05 -15.99
CA PHE B 230 4.64 11.04 -15.26
C PHE B 230 5.78 11.40 -16.22
N PHE B 231 5.84 10.74 -17.38
CA PHE B 231 6.93 10.89 -18.38
C PHE B 231 6.85 12.27 -19.05
N ALA B 232 5.63 12.81 -19.22
CA ALA B 232 5.40 14.18 -19.73
C ALA B 232 6.00 15.19 -18.75
N ALA B 233 5.81 14.96 -17.45
CA ALA B 233 6.33 15.81 -16.35
C ALA B 233 7.87 15.76 -16.33
N LEU B 234 8.48 14.58 -16.47
CA LEU B 234 9.96 14.43 -16.49
C LEU B 234 10.52 15.27 -17.64
N LYS B 235 9.90 15.17 -18.82
CA LYS B 235 10.30 15.93 -20.03
C LYS B 235 10.26 17.44 -19.75
N GLN B 236 9.17 17.92 -19.14
CA GLN B 236 8.98 19.35 -18.76
C GLN B 236 10.19 19.86 -17.97
N ILE B 237 10.72 19.05 -17.06
CA ILE B 237 11.87 19.42 -16.18
C ILE B 237 13.17 18.89 -16.80
N ASP B 238 13.08 18.30 -18.00
CA ASP B 238 14.24 17.73 -18.73
C ASP B 238 15.08 16.90 -17.76
N TYR B 239 14.46 15.93 -17.08
CA TYR B 239 15.13 15.02 -16.14
C TYR B 239 16.21 14.23 -16.87
N ARG B 240 17.44 14.27 -16.34
CA ARG B 240 18.60 13.52 -16.89
C ARG B 240 19.31 12.84 -15.72
N GLY B 241 18.71 11.77 -15.22
CA GLY B 241 19.26 10.99 -14.10
C GLY B 241 18.92 9.51 -14.26
N PRO B 242 19.34 8.66 -13.31
CA PRO B 242 19.03 7.25 -13.35
C PRO B 242 17.51 7.00 -13.36
N ILE B 243 17.10 5.99 -14.12
CA ILE B 243 15.72 5.46 -14.17
C ILE B 243 15.81 3.95 -14.00
N THR B 244 15.39 3.43 -12.85
CA THR B 244 15.44 1.98 -12.55
C THR B 244 14.06 1.39 -12.75
N PHE B 245 13.98 0.32 -13.53
CA PHE B 245 12.81 -0.58 -13.55
C PHE B 245 12.87 -1.43 -12.29
N GLU B 246 11.80 -1.36 -11.48
CA GLU B 246 11.69 -2.08 -10.19
C GLU B 246 10.41 -2.92 -10.20
N SER B 247 10.54 -4.20 -9.88
CA SER B 247 9.43 -5.17 -9.90
C SER B 247 9.71 -6.29 -8.89
N PHE B 248 8.67 -6.77 -8.22
CA PHE B 248 8.75 -7.85 -7.21
C PHE B 248 7.68 -8.91 -7.51
N SER B 249 8.14 -10.16 -7.57
CA SER B 249 7.29 -11.38 -7.71
C SER B 249 7.78 -12.42 -6.70
N SER B 250 6.87 -13.20 -6.12
CA SER B 250 7.18 -14.32 -5.20
C SER B 250 8.06 -15.33 -5.95
N GLU B 251 8.13 -15.19 -7.28
CA GLU B 251 9.02 -16.03 -8.13
C GLU B 251 10.46 -15.86 -7.65
N ILE B 252 10.85 -14.66 -7.22
CA ILE B 252 12.23 -14.36 -6.72
C ILE B 252 12.13 -13.64 -5.37
N VAL B 253 12.65 -14.29 -4.33
CA VAL B 253 12.47 -13.90 -2.90
C VAL B 253 13.84 -13.57 -2.30
N ASP B 254 13.98 -12.35 -1.78
CA ASP B 254 15.01 -11.98 -0.78
C ASP B 254 14.30 -12.04 0.58
N PRO B 255 14.67 -13.01 1.45
CA PRO B 255 13.80 -13.44 2.55
C PRO B 255 13.46 -12.29 3.52
N LYS B 256 14.25 -11.21 3.46
CA LYS B 256 14.01 -9.97 4.26
C LYS B 256 13.16 -8.99 3.43
N LEU B 257 13.75 -8.43 2.37
CA LEU B 257 13.15 -7.31 1.60
C LEU B 257 11.77 -7.71 1.07
N SER B 258 11.63 -8.91 0.47
CA SER B 258 10.39 -9.38 -0.19
C SER B 258 9.24 -9.39 0.82
N ASN B 259 9.50 -9.90 2.03
CA ASN B 259 8.47 -10.05 3.10
C ASN B 259 8.15 -8.66 3.65
N THR B 260 9.16 -7.81 3.82
CA THR B 260 9.00 -6.41 4.26
C THR B 260 8.09 -5.71 3.24
N LEU B 261 8.24 -6.02 1.95
CA LEU B 261 7.49 -5.36 0.84
C LEU B 261 6.17 -6.09 0.57
N CYS B 262 5.89 -7.15 1.32
CA CYS B 262 4.60 -7.89 1.27
C CYS B 262 4.35 -8.40 -0.14
N VAL B 263 5.36 -8.98 -0.78
CA VAL B 263 5.28 -9.60 -2.13
C VAL B 263 4.72 -11.02 -1.97
N TRP B 264 3.41 -11.11 -1.76
CA TRP B 264 2.69 -12.40 -1.57
C TRP B 264 2.42 -13.04 -2.93
N ARG B 265 2.34 -12.23 -3.99
CA ARG B 265 1.78 -12.66 -5.30
C ARG B 265 2.89 -12.87 -6.33
N ASN B 266 2.63 -13.78 -7.27
CA ASN B 266 3.48 -14.06 -8.44
C ASN B 266 2.99 -13.22 -9.62
N LEU B 267 3.70 -12.14 -9.97
CA LEU B 267 3.31 -11.15 -11.01
C LEU B 267 4.06 -11.46 -12.32
N TRP B 268 5.03 -12.39 -12.27
CA TRP B 268 5.88 -12.79 -13.41
C TRP B 268 6.75 -13.99 -13.00
N HIS B 269 7.23 -14.76 -13.98
CA HIS B 269 8.10 -15.94 -13.78
C HIS B 269 9.36 -15.81 -14.64
N ASP B 270 9.25 -15.11 -15.77
CA ASP B 270 10.35 -14.99 -16.77
C ASP B 270 11.02 -13.61 -16.63
N SER B 271 12.08 -13.53 -15.82
CA SER B 271 12.87 -12.31 -15.53
C SER B 271 13.23 -11.56 -16.81
N ASP B 272 13.74 -12.27 -17.83
CA ASP B 272 14.30 -11.66 -19.06
C ASP B 272 13.16 -11.04 -19.88
N ASP B 273 12.01 -11.71 -19.94
CA ASP B 273 10.80 -11.21 -20.65
C ASP B 273 10.32 -9.92 -19.98
N LEU B 274 10.23 -9.93 -18.65
CA LEU B 274 9.75 -8.78 -17.84
C LEU B 274 10.69 -7.59 -18.04
N ALA B 275 11.99 -7.79 -17.78
CA ALA B 275 13.05 -6.75 -17.85
C ALA B 275 13.14 -6.19 -19.28
N GLY B 276 13.19 -7.09 -20.28
CA GLY B 276 13.23 -6.71 -21.71
C GLY B 276 12.07 -5.82 -22.09
N LYS B 277 10.85 -6.21 -21.73
CA LYS B 277 9.60 -5.48 -22.11
C LYS B 277 9.55 -4.15 -21.35
N ALA B 278 9.99 -4.14 -20.09
CA ALA B 278 10.03 -2.94 -19.22
C ALA B 278 10.90 -1.86 -19.88
N LEU B 279 12.11 -2.22 -20.32
CA LEU B 279 13.09 -1.25 -20.89
C LEU B 279 12.49 -0.66 -22.17
N GLU B 280 11.97 -1.51 -23.05
CA GLU B 280 11.27 -1.11 -24.29
C GLU B 280 10.16 -0.10 -23.93
N PHE B 281 9.32 -0.45 -22.95
CA PHE B 281 8.18 0.39 -22.46
C PHE B 281 8.70 1.77 -22.03
N ILE B 282 9.80 1.80 -21.27
CA ILE B 282 10.37 3.05 -20.71
C ILE B 282 11.00 3.89 -21.83
N LYS B 283 11.77 3.25 -22.71
CA LYS B 283 12.55 3.96 -23.78
C LYS B 283 11.56 4.50 -24.82
N GLN B 284 10.46 3.79 -25.03
CA GLN B 284 9.35 4.22 -25.92
C GLN B 284 8.77 5.56 -25.43
N ARG B 285 8.81 5.83 -24.12
CA ARG B 285 8.09 6.98 -23.51
C ARG B 285 9.07 8.04 -23.02
N TYR B 286 10.33 7.66 -22.81
CA TYR B 286 11.41 8.57 -22.35
C TYR B 286 12.75 8.09 -22.90
N GLY B 287 12.97 8.29 -24.21
CA GLY B 287 14.21 7.89 -24.90
C GLY B 287 14.59 8.89 -25.98
MN MN C . -12.55 -0.63 2.57
C1 PSJ D . -9.39 -1.22 5.47
O1 PSJ D . -8.31 -0.73 4.65
C2 PSJ D . -10.65 -1.22 4.64
O2 PSJ D . -10.58 -0.83 3.50
C3 PSJ D . -11.92 -1.74 5.22
O3 PSJ D . -13.03 -0.88 4.90
C4 PSJ D . -11.72 -1.84 6.72
O4 PSJ D . -10.85 -2.93 6.91
C5 PSJ D . -13.00 -2.05 7.51
O5 PSJ D . -14.13 -2.02 6.64
C6 PSJ D . -13.13 -0.98 8.60
O6 PSJ D . -14.21 -1.29 9.50
MN MN E . 11.54 2.03 -5.33
C1 PSJ F . 10.42 -0.01 -1.59
O1 PSJ F . 9.01 -0.14 -1.76
C2 PSJ F . 11.04 0.78 -2.72
O2 PSJ F . 10.43 1.05 -3.75
C3 PSJ F . 12.46 1.22 -2.55
O3 PSJ F . 13.04 1.40 -3.85
C4 PSJ F . 13.10 0.15 -1.67
O4 PSJ F . 12.80 0.48 -0.31
C5 PSJ F . 14.60 -0.03 -1.82
O5 PSJ F . 15.09 0.99 -2.69
C6 PSJ F . 14.90 -1.44 -2.33
O6 PSJ F . 16.31 -1.74 -2.35
#